data_6ELT
#
_entry.id   6ELT
#
_cell.length_a   45.230
_cell.length_b   50.140
_cell.length_c   50.720
_cell.angle_alpha   90.00
_cell.angle_beta   90.00
_cell.angle_gamma   90.00
#
_symmetry.space_group_name_H-M   'P 21 21 21'
#
loop_
_entity.id
_entity.type
_entity.pdbx_description
1 polymer 'Polyphenol oxidase, chloroplastic'
2 non-polymer 'CALCIUM ION'
3 water water
#
_entity_poly.entity_id   1
_entity_poly.type   'polypeptide(L)'
_entity_poly.pdbx_seq_one_letter_code
;KVVAGTEFPISLGSKISTVVKRPKQKKRSKKAKEDEEEILVIEGIEFDRDVAVKFDVYVNDVDDLPSGPDKTEFAGSFVS
VPHSHKHKKKMNTILRLGLTDLLEEIEAEDDDSVVVTLVPKFGAVKIGGIKIEFAS
;
_entity_poly.pdbx_strand_id   A
#
loop_
_chem_comp.id
_chem_comp.type
_chem_comp.name
_chem_comp.formula
CA non-polymer 'CALCIUM ION' 'Ca 2'
#
# COMPACT_ATOMS: atom_id res chain seq x y z
N VAL A 2 -2.82 13.90 0.87
CA VAL A 2 -3.45 13.06 -0.15
C VAL A 2 -2.73 13.20 -1.48
N VAL A 3 -2.48 12.05 -2.12
CA VAL A 3 -1.71 11.97 -3.34
C VAL A 3 -2.54 11.22 -4.39
N ALA A 4 -2.55 11.74 -5.62
CA ALA A 4 -3.26 11.04 -6.69
C ALA A 4 -2.46 9.83 -7.14
N GLY A 5 -3.17 8.83 -7.67
CA GLY A 5 -2.50 7.63 -8.17
C GLY A 5 -1.49 7.95 -9.26
N THR A 6 -1.76 8.96 -10.07
CA THR A 6 -0.83 9.36 -11.11
C THR A 6 0.37 10.14 -10.58
N GLU A 7 0.42 10.41 -9.27
CA GLU A 7 1.59 11.05 -8.69
C GLU A 7 2.73 10.07 -8.43
N PHE A 8 2.48 8.76 -8.50
CA PHE A 8 3.54 7.76 -8.40
C PHE A 8 4.28 7.63 -9.74
N PRO A 9 5.59 7.33 -9.72
CA PRO A 9 6.47 7.11 -8.56
C PRO A 9 6.68 8.33 -7.69
N ILE A 10 6.82 8.09 -6.39
CA ILE A 10 7.05 9.15 -5.41
C ILE A 10 8.18 8.76 -4.48
N SER A 11 8.85 9.77 -3.95
CA SER A 11 9.76 9.57 -2.83
CA SER A 11 9.76 9.58 -2.82
C SER A 11 8.95 9.64 -1.53
N LEU A 12 9.10 8.62 -0.68
CA LEU A 12 8.30 8.55 0.54
C LEU A 12 9.00 9.29 1.68
N GLY A 13 9.02 10.62 1.57
CA GLY A 13 9.66 11.43 2.60
C GLY A 13 8.78 11.77 3.79
N SER A 14 7.49 11.46 3.70
CA SER A 14 6.54 11.77 4.75
C SER A 14 5.33 10.86 4.56
N LYS A 15 4.44 10.85 5.55
CA LYS A 15 3.23 10.04 5.46
C LYS A 15 2.34 10.55 4.34
N ILE A 16 1.87 9.63 3.50
CA ILE A 16 0.99 9.97 2.38
C ILE A 16 -0.17 8.98 2.36
N SER A 17 -1.27 9.42 1.78
CA SER A 17 -2.41 8.55 1.54
CA SER A 17 -2.45 8.61 1.57
C SER A 17 -2.87 8.71 0.11
N THR A 18 -3.52 7.67 -0.39
CA THR A 18 -3.94 7.65 -1.79
C THR A 18 -5.15 6.73 -1.94
N VAL A 19 -6.06 7.12 -2.84
CA VAL A 19 -7.25 6.30 -3.11
C VAL A 19 -6.90 5.25 -4.15
N VAL A 20 -7.14 3.98 -3.81
CA VAL A 20 -6.77 2.85 -4.66
C VAL A 20 -8.03 2.08 -5.01
N LYS A 21 -8.25 1.88 -6.31
CA LYS A 21 -9.44 1.16 -6.77
C LYS A 21 -9.31 -0.34 -6.45
N ARG A 22 -10.42 -0.94 -6.08
CA ARG A 22 -10.49 -2.38 -5.95
C ARG A 22 -10.55 -3.01 -7.33
N PRO A 23 -10.34 -4.32 -7.44
CA PRO A 23 -10.33 -4.96 -8.76
C PRO A 23 -11.65 -4.76 -9.50
N LYS A 24 -11.55 -4.73 -10.83
CA LYS A 24 -12.70 -4.37 -11.67
C LYS A 24 -13.88 -5.30 -11.47
N GLN A 25 -13.62 -6.59 -11.21
CA GLN A 25 -14.72 -7.54 -11.03
C GLN A 25 -15.58 -7.18 -9.82
N LYS A 26 -14.99 -6.53 -8.81
CA LYS A 26 -15.76 -6.11 -7.64
C LYS A 26 -16.77 -5.02 -7.97
N LYS A 27 -16.62 -4.31 -9.10
CA LYS A 27 -17.53 -3.22 -9.42
C LYS A 27 -18.95 -3.71 -9.64
N ARG A 28 -19.11 -4.82 -10.38
CA ARG A 28 -20.45 -5.33 -10.63
C ARG A 28 -20.98 -6.14 -9.46
N SER A 29 -20.14 -6.96 -8.83
CA SER A 29 -20.56 -7.83 -7.73
CA SER A 29 -20.57 -7.80 -7.72
C SER A 29 -19.47 -7.80 -6.67
N LYS A 30 -19.79 -7.24 -5.50
CA LYS A 30 -18.78 -7.08 -4.46
C LYS A 30 -18.28 -8.40 -3.89
N LYS A 31 -19.01 -9.49 -4.10
CA LYS A 31 -18.57 -10.81 -3.63
C LYS A 31 -17.93 -11.63 -4.75
N ALA A 32 -17.64 -11.03 -5.89
CA ALA A 32 -16.91 -11.76 -6.93
C ALA A 32 -15.60 -12.30 -6.39
N LYS A 33 -15.28 -13.54 -6.75
CA LYS A 33 -14.00 -14.17 -6.39
C LYS A 33 -13.80 -14.20 -4.87
N GLU A 34 -14.86 -14.55 -4.13
CA GLU A 34 -14.81 -14.43 -2.68
C GLU A 34 -13.87 -15.43 -2.02
N ASP A 35 -13.55 -16.54 -2.66
CA ASP A 35 -12.60 -17.49 -2.09
C ASP A 35 -11.15 -17.26 -2.53
N GLU A 36 -10.88 -16.11 -3.14
CA GLU A 36 -9.53 -15.70 -3.50
C GLU A 36 -9.14 -14.52 -2.63
N GLU A 37 -7.86 -14.42 -2.30
CA GLU A 37 -7.37 -13.29 -1.51
C GLU A 37 -7.30 -12.05 -2.38
N GLU A 38 -7.83 -10.94 -1.86
CA GLU A 38 -7.69 -9.63 -2.49
C GLU A 38 -6.39 -9.02 -1.97
N ILE A 39 -5.48 -8.67 -2.87
CA ILE A 39 -4.10 -8.40 -2.52
C ILE A 39 -3.74 -6.95 -2.87
N LEU A 40 -3.24 -6.22 -1.88
CA LEU A 40 -2.67 -4.90 -2.11
C LEU A 40 -1.23 -5.05 -2.55
N VAL A 41 -0.86 -4.42 -3.67
CA VAL A 41 0.45 -4.57 -4.26
C VAL A 41 1.12 -3.20 -4.29
N ILE A 42 2.25 -3.10 -3.60
CA ILE A 42 3.08 -1.90 -3.59
C ILE A 42 4.29 -2.21 -4.48
N GLU A 43 4.35 -1.55 -5.63
CA GLU A 43 5.23 -1.91 -6.73
C GLU A 43 6.42 -0.97 -6.80
N GLY A 44 7.53 -1.46 -7.36
CA GLY A 44 8.65 -0.60 -7.65
C GLY A 44 9.28 0.04 -6.43
N ILE A 45 9.35 -0.69 -5.32
CA ILE A 45 10.00 -0.19 -4.12
C ILE A 45 11.50 -0.18 -4.37
N GLU A 46 12.12 1.00 -4.28
CA GLU A 46 13.53 1.16 -4.65
C GLU A 46 14.28 1.98 -3.62
N PHE A 47 15.50 1.54 -3.31
CA PHE A 47 16.32 2.17 -2.27
C PHE A 47 17.74 1.63 -2.39
N ASP A 48 18.66 2.34 -1.76
CA ASP A 48 20.04 1.86 -1.65
C ASP A 48 20.10 0.74 -0.60
N ARG A 49 20.77 -0.37 -0.95
CA ARG A 49 20.83 -1.53 -0.07
C ARG A 49 21.53 -1.23 1.25
N ASP A 50 22.44 -0.25 1.28
CA ASP A 50 23.14 0.06 2.52
C ASP A 50 22.36 1.02 3.43
N VAL A 51 21.10 1.29 3.09
CA VAL A 51 20.23 2.13 3.92
C VAL A 51 19.13 1.23 4.48
N ALA A 52 19.05 1.15 5.80
CA ALA A 52 17.91 0.46 6.41
C ALA A 52 16.62 1.17 6.02
N VAL A 53 15.60 0.41 5.65
CA VAL A 53 14.32 0.97 5.22
C VAL A 53 13.21 0.31 6.00
N LYS A 54 12.25 1.12 6.45
CA LYS A 54 11.01 0.60 6.99
C LYS A 54 9.90 1.59 6.72
N PHE A 55 8.78 1.10 6.20
CA PHE A 55 7.55 1.89 6.15
C PHE A 55 6.38 0.98 6.47
N ASP A 56 5.36 1.55 7.09
CA ASP A 56 4.17 0.82 7.49
C ASP A 56 3.01 1.20 6.58
N VAL A 57 2.07 0.27 6.43
CA VAL A 57 0.96 0.42 5.49
C VAL A 57 -0.34 0.27 6.26
N TYR A 58 -1.25 1.23 6.05
CA TYR A 58 -2.57 1.22 6.67
C TYR A 58 -3.65 1.38 5.61
N VAL A 59 -4.86 0.94 5.91
CA VAL A 59 -6.00 1.06 5.00
C VAL A 59 -7.17 1.63 5.78
N ASN A 60 -7.95 2.49 5.12
CA ASN A 60 -9.19 2.97 5.72
C ASN A 60 -10.28 3.09 4.66
N ASP A 61 -11.52 3.17 5.15
CA ASP A 61 -12.69 3.31 4.30
C ASP A 61 -12.62 4.64 3.56
N VAL A 62 -12.80 4.59 2.24
CA VAL A 62 -12.69 5.78 1.39
C VAL A 62 -13.68 6.88 1.76
N ASP A 63 -14.78 6.52 2.44
CA ASP A 63 -15.81 7.48 2.80
C ASP A 63 -15.55 8.17 4.14
N ASP A 64 -14.50 7.77 4.87
CA ASP A 64 -14.15 8.45 6.11
C ASP A 64 -13.75 9.89 5.83
N LEU A 65 -13.99 10.76 6.80
CA LEU A 65 -13.58 12.16 6.70
C LEU A 65 -12.07 12.27 6.92
N PRO A 66 -11.31 12.79 5.96
CA PRO A 66 -9.86 12.98 6.20
C PRO A 66 -9.57 14.06 7.21
N SER A 67 -10.46 15.04 7.36
CA SER A 67 -10.38 16.01 8.44
C SER A 67 -10.98 15.49 9.74
N GLY A 68 -11.30 14.19 9.79
CA GLY A 68 -11.87 13.57 10.98
C GLY A 68 -10.91 12.63 11.65
N PRO A 69 -11.33 12.04 12.78
CA PRO A 69 -10.43 11.18 13.55
C PRO A 69 -9.92 9.99 12.73
N ASP A 70 -8.75 9.50 13.13
CA ASP A 70 -8.03 8.45 12.41
C ASP A 70 -8.74 7.11 12.60
N LYS A 71 -9.21 6.52 11.49
CA LYS A 71 -9.83 5.20 11.48
C LYS A 71 -9.00 4.20 10.66
N THR A 72 -7.69 4.40 10.57
CA THR A 72 -6.86 3.55 9.73
C THR A 72 -6.52 2.24 10.43
N GLU A 73 -6.39 1.19 9.63
CA GLU A 73 -6.15 -0.17 10.11
C GLU A 73 -4.83 -0.68 9.54
N PHE A 74 -3.96 -1.17 10.42
CA PHE A 74 -2.65 -1.67 9.98
C PHE A 74 -2.79 -2.87 9.05
N ALA A 75 -2.08 -2.83 7.91
CA ALA A 75 -2.09 -3.91 6.93
C ALA A 75 -0.77 -4.66 6.82
N GLY A 76 0.36 -4.03 7.13
CA GLY A 76 1.65 -4.68 6.99
C GLY A 76 2.75 -3.64 6.87
N SER A 77 3.98 -4.14 6.75
CA SER A 77 5.15 -3.27 6.72
CA SER A 77 5.14 -3.26 6.70
C SER A 77 6.15 -3.81 5.71
N PHE A 78 6.94 -2.89 5.14
CA PHE A 78 8.11 -3.24 4.35
C PHE A 78 9.35 -2.93 5.18
N VAL A 79 10.26 -3.89 5.27
CA VAL A 79 11.51 -3.73 6.01
C VAL A 79 12.66 -4.27 5.17
N SER A 80 13.75 -3.51 5.10
CA SER A 80 15.03 -3.99 4.58
C SER A 80 16.13 -3.67 5.57
N VAL A 81 16.99 -4.65 5.81
CA VAL A 81 18.13 -4.45 6.71
C VAL A 81 19.34 -4.10 5.85
N PRO A 82 20.22 -3.19 6.30
CA PRO A 82 21.32 -2.74 5.43
C PRO A 82 22.26 -3.89 5.09
N HIS A 83 22.70 -3.90 3.84
CA HIS A 83 23.60 -4.93 3.36
C HIS A 83 24.28 -4.44 2.10
N SER A 84 25.29 -5.19 1.66
CA SER A 84 25.98 -4.97 0.40
CA SER A 84 25.90 -4.93 0.37
C SER A 84 25.64 -6.12 -0.55
N HIS A 85 25.75 -5.84 -1.84
CA HIS A 85 25.45 -6.80 -2.89
C HIS A 85 26.56 -6.73 -3.91
N LYS A 86 27.04 -7.91 -4.34
CA LYS A 86 28.22 -8.04 -5.17
C LYS A 86 28.15 -7.26 -6.50
N HIS A 87 26.95 -6.97 -7.03
CA HIS A 87 26.87 -6.21 -8.27
C HIS A 87 25.72 -5.20 -8.34
N LYS A 88 25.01 -4.93 -7.24
CA LYS A 88 23.91 -3.97 -7.24
C LYS A 88 24.04 -3.02 -6.07
N LYS A 89 23.94 -1.71 -6.36
CA LYS A 89 23.84 -0.74 -5.28
C LYS A 89 22.45 -0.69 -4.70
N LYS A 90 21.43 -0.90 -5.52
CA LYS A 90 20.05 -0.71 -5.12
C LYS A 90 19.28 -2.02 -5.15
N MET A 91 18.14 -2.01 -4.49
CA MET A 91 17.16 -3.08 -4.60
C MET A 91 15.88 -2.50 -5.19
N ASN A 92 15.24 -3.28 -6.06
CA ASN A 92 13.96 -2.94 -6.66
C ASN A 92 13.03 -4.12 -6.35
N THR A 93 12.02 -3.88 -5.53
CA THR A 93 11.24 -4.99 -5.01
C THR A 93 9.77 -4.60 -4.91
N ILE A 94 9.01 -5.38 -4.16
CA ILE A 94 7.56 -5.31 -4.15
C ILE A 94 7.09 -5.75 -2.78
N LEU A 95 5.89 -5.32 -2.39
CA LEU A 95 5.26 -5.78 -1.16
C LEU A 95 3.82 -6.11 -1.47
N ARG A 96 3.38 -7.30 -1.06
CA ARG A 96 2.01 -7.75 -1.26
C ARG A 96 1.38 -8.06 0.09
N LEU A 97 0.18 -7.50 0.33
CA LEU A 97 -0.53 -7.62 1.60
C LEU A 97 -1.96 -8.08 1.38
N GLY A 98 -2.42 -9.03 2.20
CA GLY A 98 -3.78 -9.52 2.08
C GLY A 98 -4.78 -8.54 2.68
N LEU A 99 -5.85 -8.26 1.92
CA LEU A 99 -6.87 -7.29 2.34
C LEU A 99 -8.23 -7.89 2.70
N THR A 100 -8.49 -9.16 2.37
CA THR A 100 -9.87 -9.64 2.46
C THR A 100 -10.44 -9.51 3.87
N ASP A 101 -9.71 -10.03 4.86
CA ASP A 101 -10.18 -9.90 6.23
C ASP A 101 -10.22 -8.44 6.68
N LEU A 102 -9.19 -7.67 6.29
CA LEU A 102 -9.13 -6.27 6.69
C LEU A 102 -10.37 -5.50 6.23
N LEU A 103 -10.79 -5.71 4.98
CA LEU A 103 -11.96 -5.01 4.47
C LEU A 103 -13.21 -5.38 5.24
N GLU A 104 -13.33 -6.64 5.65
CA GLU A 104 -14.47 -7.04 6.47
C GLU A 104 -14.42 -6.36 7.84
N GLU A 105 -13.24 -6.28 8.46
CA GLU A 105 -13.10 -5.68 9.78
C GLU A 105 -13.39 -4.19 9.77
N ILE A 106 -12.92 -3.47 8.75
CA ILE A 106 -13.20 -2.04 8.66
C ILE A 106 -14.57 -1.76 8.08
N GLU A 107 -15.28 -2.80 7.63
CA GLU A 107 -16.62 -2.68 7.05
C GLU A 107 -16.64 -1.84 5.78
N ALA A 108 -15.69 -2.12 4.89
CA ALA A 108 -15.60 -1.44 3.60
C ALA A 108 -15.81 -2.40 2.43
N GLU A 109 -16.33 -3.59 2.68
CA GLU A 109 -16.44 -4.56 1.60
C GLU A 109 -17.45 -4.17 0.52
N ASP A 110 -18.30 -3.18 0.79
CA ASP A 110 -19.25 -2.65 -0.18
C ASP A 110 -18.70 -1.51 -1.02
N ASP A 111 -17.47 -1.08 -0.76
CA ASP A 111 -16.92 0.10 -1.43
C ASP A 111 -16.16 -0.34 -2.68
N ASP A 112 -16.01 0.60 -3.62
CA ASP A 112 -15.26 0.33 -4.86
C ASP A 112 -13.79 0.71 -4.78
N SER A 113 -13.39 1.42 -3.74
CA SER A 113 -12.00 1.82 -3.55
CA SER A 113 -12.01 1.84 -3.56
C SER A 113 -11.76 1.94 -2.06
N VAL A 114 -10.47 2.04 -1.70
CA VAL A 114 -10.05 2.22 -0.32
C VAL A 114 -8.95 3.29 -0.30
N VAL A 115 -8.63 3.76 0.90
CA VAL A 115 -7.51 4.69 1.10
C VAL A 115 -6.35 3.93 1.69
N VAL A 116 -5.21 4.00 1.02
CA VAL A 116 -3.99 3.36 1.48
C VAL A 116 -3.05 4.44 1.98
N THR A 117 -2.56 4.28 3.20
CA THR A 117 -1.63 5.21 3.82
C THR A 117 -0.28 4.53 3.95
N LEU A 118 0.79 5.22 3.52
CA LEU A 118 2.15 4.74 3.67
C LEU A 118 2.86 5.65 4.67
N VAL A 119 3.43 5.05 5.71
CA VAL A 119 4.03 5.78 6.82
C VAL A 119 5.52 5.44 6.86
N PRO A 120 6.39 6.33 6.38
CA PRO A 120 7.82 6.05 6.45
C PRO A 120 8.31 6.12 7.89
N LYS A 121 9.12 5.14 8.27
CA LYS A 121 9.73 5.11 9.59
C LYS A 121 11.21 5.43 9.57
N PHE A 122 11.95 4.87 8.62
CA PHE A 122 13.33 5.28 8.39
C PHE A 122 13.73 4.84 6.99
N GLY A 123 14.69 5.57 6.43
CA GLY A 123 15.28 5.24 5.14
C GLY A 123 14.62 5.95 3.98
N ALA A 124 15.44 6.43 3.06
CA ALA A 124 14.92 7.02 1.82
C ALA A 124 14.49 5.91 0.89
N VAL A 125 13.25 5.99 0.40
CA VAL A 125 12.69 4.93 -0.43
C VAL A 125 11.77 5.55 -1.46
N LYS A 126 11.79 5.00 -2.67
CA LYS A 126 10.88 5.36 -3.74
C LYS A 126 9.79 4.30 -3.85
N ILE A 127 8.55 4.75 -4.09
CA ILE A 127 7.42 3.84 -4.30
C ILE A 127 6.98 3.99 -5.75
N GLY A 128 6.98 2.89 -6.50
CA GLY A 128 6.66 2.92 -7.91
C GLY A 128 5.18 3.07 -8.23
N GLY A 129 4.33 2.38 -7.47
CA GLY A 129 2.89 2.44 -7.69
C GLY A 129 2.18 1.56 -6.68
N ILE A 130 0.85 1.69 -6.65
CA ILE A 130 0.02 0.91 -5.74
C ILE A 130 -1.23 0.46 -6.51
N LYS A 131 -1.59 -0.81 -6.36
CA LYS A 131 -2.80 -1.34 -6.97
C LYS A 131 -3.32 -2.48 -6.09
N ILE A 132 -4.57 -2.88 -6.37
CA ILE A 132 -5.18 -4.05 -5.74
C ILE A 132 -5.58 -5.04 -6.84
N GLU A 133 -5.26 -6.31 -6.63
CA GLU A 133 -5.59 -7.32 -7.63
C GLU A 133 -5.78 -8.68 -6.95
N PHE A 134 -6.17 -9.67 -7.73
CA PHE A 134 -6.21 -11.05 -7.25
C PHE A 134 -4.97 -11.78 -7.75
CA CA B . -17.69 2.98 2.93
#